data_2EUW
#
_entry.id   2EUW
#
_cell.length_a   69.985
_cell.length_b   78.335
_cell.length_c   161.482
_cell.angle_alpha   90.00
_cell.angle_beta   90.00
_cell.angle_gamma   90.00
#
_symmetry.space_group_name_H-M   'C 2 2 21'
#
loop_
_entity.id
_entity.type
_entity.pdbx_description
1 polymer "5'-D(*TP*GP*CP*GP*AP*CP*TP*CP*AP*AP*AP*AP*AP*C)-3'"
2 polymer "5'-D(*AP*GP*TP*TP*TP*TP*TP*GP*AP*GP*TP*CP*GP*C)-3'"
3 polymer 'NDT80 protein'
4 water water
#
loop_
_entity_poly.entity_id
_entity_poly.type
_entity_poly.pdbx_seq_one_letter_code
_entity_poly.pdbx_strand_id
1 'polydeoxyribonucleotide' (DT)(DG)(DC)(DG)(DA)(DC)(DT)(DC)(DA)(DA)(DA)(DA)(DA)(DC) B
2 'polydeoxyribonucleotide' (DA)(DG)(DT)(DT)(DT)(DT)(DT)(DG)(DA)(DG)(DT)(DC)(DG)(DC) C
3 'polypeptide(L)'
;GPLGSMNEMENTDPVLQDDLVSKYERELSTEQEEDTPVILTQLNEDGTTSNYFDKRKLKIAPRSTLQFKVGPPFELVRDY
CPVVESHTGRTLDLRIIPRIDRGFDHIDEEWVGYKRNYFTLVSTFETANCDLDTFLKSSFDLLVEDSSVEGRLRVQYFAI
KIKAKNDDDDTEINLVQHTAKRDKGPQFCPSVCPLVPSPLPKHQTIREASNVRNITKMKKYDSTFYLHRDHVNYEEYGVD
SLLFSYPEDSIQKVARYERVQFASSISVKKPSQQNKHFSLHVILGAVVDPDTFHGENPGIPYDELALKNGSKGMFVYLQE
MKTPPLIIRGRSPSNYASSQRITVR
;
A
#
# COMPACT_ATOMS: atom_id res chain seq x y z
N VAL C 38 12.14 -20.24 -19.61
CA VAL C 38 11.72 -18.86 -20.03
C VAL C 38 10.68 -18.26 -19.09
N ILE C 39 9.66 -19.05 -18.72
CA ILE C 39 8.67 -18.62 -17.72
C ILE C 39 8.74 -19.56 -16.56
N LEU C 40 8.91 -19.03 -15.35
CA LEU C 40 8.91 -19.81 -14.13
C LEU C 40 7.62 -19.55 -13.40
N THR C 41 6.92 -20.60 -13.00
CA THR C 41 5.58 -20.46 -12.49
C THR C 41 5.51 -20.89 -11.03
N GLN C 42 4.87 -20.04 -10.23
CA GLN C 42 4.59 -20.30 -8.82
C GLN C 42 3.10 -20.23 -8.60
N LEU C 43 2.57 -21.15 -7.80
CA LEU C 43 1.17 -21.16 -7.44
C LEU C 43 0.90 -20.16 -6.31
N ASN C 44 -0.06 -19.25 -6.49
CA ASN C 44 -0.41 -18.26 -5.48
C ASN C 44 -1.36 -18.86 -4.48
N GLU C 45 -1.62 -18.15 -3.38
CA GLU C 45 -2.42 -18.70 -2.30
C GLU C 45 -3.86 -19.02 -2.70
N ASP C 46 -4.41 -18.25 -3.64
CA ASP C 46 -5.79 -18.41 -4.10
C ASP C 46 -5.90 -19.32 -5.36
N GLY C 47 -4.81 -19.93 -5.77
CA GLY C 47 -4.85 -20.82 -6.92
C GLY C 47 -4.56 -20.20 -8.29
N THR C 48 -4.35 -18.90 -8.34
CA THR C 48 -3.87 -18.27 -9.56
C THR C 48 -2.39 -18.56 -9.62
N THR C 49 -1.75 -18.21 -10.73
CA THR C 49 -0.30 -18.38 -10.84
C THR C 49 0.40 -17.05 -10.99
N SER C 50 1.62 -17.02 -10.52
CA SER C 50 2.55 -15.97 -10.81
C SER C 50 3.53 -16.55 -11.80
N ASN C 51 3.72 -15.85 -12.90
CA ASN C 51 4.54 -16.30 -14.01
C ASN C 51 5.66 -15.31 -14.21
N TYR C 52 6.83 -15.70 -13.73
CA TYR C 52 7.98 -14.82 -13.75
C TYR C 52 8.78 -14.99 -15.02
N PHE C 53 9.03 -13.89 -15.72
CA PHE C 53 9.82 -13.91 -16.93
C PHE C 53 10.67 -12.65 -17.02
N ASP C 54 11.75 -12.74 -17.79
CA ASP C 54 12.72 -11.68 -17.93
C ASP C 54 12.39 -10.92 -19.21
N LYS C 55 12.09 -9.63 -19.08
CA LYS C 55 11.66 -8.83 -20.22
C LYS C 55 12.82 -8.56 -21.19
N ARG C 56 14.06 -8.87 -20.77
CA ARG C 56 15.22 -8.84 -21.65
C ARG C 56 15.16 -9.96 -22.68
N LYS C 57 14.37 -10.99 -22.40
CA LYS C 57 14.33 -12.21 -23.20
C LYS C 57 12.99 -12.51 -23.83
N LEU C 58 11.90 -12.08 -23.20
CA LEU C 58 10.54 -12.42 -23.59
C LEU C 58 9.67 -11.18 -23.47
N LYS C 59 9.05 -10.79 -24.58
CA LYS C 59 8.11 -9.69 -24.59
C LYS C 59 6.70 -10.27 -24.66
N ILE C 60 5.88 -9.85 -23.69
CA ILE C 60 4.50 -10.27 -23.50
C ILE C 60 3.64 -9.02 -23.63
N ALA C 61 2.42 -9.19 -24.14
CA ALA C 61 1.51 -8.10 -24.40
C ALA C 61 1.21 -7.30 -23.13
N PRO C 62 0.98 -6.00 -23.25
CA PRO C 62 0.71 -5.19 -22.04
C PRO C 62 -0.44 -5.65 -21.18
N ARG C 63 -1.50 -6.20 -21.76
CA ARG C 63 -2.69 -6.57 -21.00
C ARG C 63 -2.79 -8.07 -20.73
N SER C 64 -1.76 -8.81 -21.09
CA SER C 64 -1.74 -10.24 -20.77
C SER C 64 -1.86 -10.43 -19.27
N THR C 65 -2.63 -11.45 -18.85
CA THR C 65 -2.72 -11.79 -17.44
C THR C 65 -1.35 -12.19 -16.90
N LEU C 66 -0.42 -12.53 -17.77
CA LEU C 66 0.95 -12.84 -17.32
C LEU C 66 1.70 -11.65 -16.71
N GLN C 67 1.21 -10.42 -16.92
CA GLN C 67 1.79 -9.23 -16.27
C GLN C 67 1.38 -9.10 -14.82
N PHE C 68 0.31 -9.79 -14.43
CA PHE C 68 -0.09 -9.83 -13.03
C PHE C 68 0.63 -10.97 -12.33
N LYS C 69 1.28 -10.66 -11.21
CA LYS C 69 1.97 -11.69 -10.45
C LYS C 69 2.30 -11.15 -9.07
N VAL C 70 2.42 -12.07 -8.13
CA VAL C 70 2.73 -11.66 -6.76
C VAL C 70 4.20 -11.31 -6.69
N GLY C 71 4.48 -10.19 -6.05
CA GLY C 71 5.84 -9.66 -5.98
C GLY C 71 6.51 -10.09 -4.69
N PRO C 72 7.56 -9.38 -4.31
CA PRO C 72 8.35 -9.77 -3.15
C PRO C 72 7.55 -9.74 -1.85
N PRO C 73 7.83 -10.64 -0.94
CA PRO C 73 7.17 -10.67 0.36
C PRO C 73 7.64 -9.52 1.22
N PHE C 74 6.82 -9.09 2.16
CA PHE C 74 7.23 -8.01 3.04
C PHE C 74 7.66 -8.60 4.37
N GLU C 75 8.53 -7.87 5.06
CA GLU C 75 9.06 -8.21 6.36
C GLU C 75 8.92 -7.02 7.30
N LEU C 76 8.71 -7.30 8.57
CA LEU C 76 8.62 -6.26 9.59
C LEU C 76 9.93 -5.49 9.72
N VAL C 77 9.81 -4.16 9.75
CA VAL C 77 10.93 -3.29 10.01
C VAL C 77 10.93 -3.02 11.49
N ARG C 78 9.83 -2.44 11.99
CA ARG C 78 9.63 -2.33 13.43
C ARG C 78 8.22 -1.90 13.79
N ASP C 79 7.92 -2.08 15.07
CA ASP C 79 6.77 -1.50 15.70
C ASP C 79 7.20 -0.22 16.39
N TYR C 80 6.31 0.74 16.37
CA TYR C 80 6.59 2.06 16.90
C TYR C 80 5.66 2.32 18.09
N CYS C 81 4.68 3.21 17.93
CA CYS C 81 3.90 3.67 19.08
C CYS C 81 2.77 2.68 19.44
N PRO C 82 2.69 2.26 20.70
CA PRO C 82 1.55 1.46 21.17
C PRO C 82 0.21 2.22 21.11
N VAL C 83 -0.87 1.50 20.85
CA VAL C 83 -2.23 2.05 20.83
C VAL C 83 -3.07 1.26 21.83
N VAL C 84 -3.84 1.97 22.64
CA VAL C 84 -4.67 1.32 23.65
C VAL C 84 -6.12 1.78 23.54
N GLU C 85 -7.07 0.91 23.90
CA GLU C 85 -8.48 1.28 23.95
C GLU C 85 -8.69 2.22 25.14
N SER C 86 -9.47 3.29 24.93
CA SER C 86 -9.49 4.42 25.88
C SER C 86 -10.04 4.13 27.28
N HIS C 87 -10.86 3.09 27.44
CA HIS C 87 -11.36 2.74 28.78
C HIS C 87 -10.85 1.45 29.39
N THR C 88 -10.72 0.41 28.56
CA THR C 88 -10.22 -0.88 29.02
C THR C 88 -8.72 -0.83 29.23
N GLY C 89 -8.03 0.01 28.44
CA GLY C 89 -6.58 0.12 28.49
C GLY C 89 -5.89 -0.99 27.71
N ARG C 90 -6.67 -1.88 27.12
CA ARG C 90 -6.18 -3.02 26.35
C ARG C 90 -5.34 -2.53 25.17
N THR C 91 -4.16 -3.10 24.99
CA THR C 91 -3.33 -2.77 23.82
C THR C 91 -3.94 -3.37 22.58
N LEU C 92 -3.97 -2.58 21.53
CA LEU C 92 -4.47 -3.02 20.25
C LEU C 92 -3.30 -3.67 19.50
N ASP C 93 -3.44 -4.94 19.14
CA ASP C 93 -2.39 -5.61 18.41
C ASP C 93 -2.65 -5.33 16.92
N LEU C 94 -1.62 -4.95 16.20
CA LEU C 94 -1.81 -4.49 14.85
C LEU C 94 -0.88 -5.26 13.95
N ARG C 95 -1.31 -5.47 12.71
CA ARG C 95 -0.47 -6.14 11.72
C ARG C 95 -0.80 -5.62 10.35
N ILE C 96 0.21 -5.12 9.66
CA ILE C 96 0.08 -4.76 8.25
C ILE C 96 0.04 -6.04 7.41
N ILE C 97 -0.81 -6.06 6.38
CA ILE C 97 -0.96 -7.22 5.48
C ILE C 97 -0.84 -6.70 4.05
N PRO C 98 0.38 -6.59 3.56
CA PRO C 98 0.65 -6.03 2.23
C PRO C 98 0.99 -7.07 1.15
N ARG C 99 0.78 -6.69 -0.10
CA ARG C 99 1.18 -7.54 -1.23
C ARG C 99 1.41 -6.70 -2.47
N ILE C 100 2.37 -7.10 -3.29
CA ILE C 100 2.55 -6.52 -4.60
C ILE C 100 1.91 -7.46 -5.63
N ASP C 101 1.08 -6.91 -6.54
CA ASP C 101 0.33 -7.73 -7.46
C ASP C 101 0.66 -7.51 -8.94
N ARG C 102 1.64 -6.64 -9.21
CA ARG C 102 2.07 -6.33 -10.58
C ARG C 102 3.39 -5.60 -10.50
N GLY C 103 4.24 -5.81 -11.51
CA GLY C 103 5.44 -5.00 -11.72
C GLY C 103 6.77 -5.59 -11.30
N PHE C 104 6.75 -6.70 -10.58
CA PHE C 104 7.97 -7.34 -10.09
C PHE C 104 8.09 -8.83 -10.38
N ASP C 105 9.25 -9.22 -10.93
CA ASP C 105 9.53 -10.61 -11.26
C ASP C 105 10.69 -11.15 -10.44
N HIS C 106 10.63 -12.43 -10.11
CA HIS C 106 11.68 -13.10 -9.37
C HIS C 106 12.57 -13.75 -10.44
N ILE C 107 13.74 -13.16 -10.69
CA ILE C 107 14.66 -13.58 -11.76
C ILE C 107 16.02 -13.83 -11.14
N ASP C 108 16.53 -15.05 -11.32
CA ASP C 108 17.83 -15.46 -10.75
C ASP C 108 18.06 -14.92 -9.34
N GLU C 109 17.12 -15.25 -8.45
CA GLU C 109 17.18 -14.95 -7.01
C GLU C 109 17.21 -13.45 -6.71
N GLU C 110 16.73 -12.64 -7.65
CA GLU C 110 16.55 -11.23 -7.39
C GLU C 110 15.13 -10.86 -7.75
N TRP C 111 14.62 -9.81 -7.13
CA TRP C 111 13.34 -9.25 -7.53
C TRP C 111 13.58 -8.04 -8.40
N VAL C 112 12.99 -8.04 -9.59
CA VAL C 112 13.28 -7.08 -10.62
C VAL C 112 12.06 -6.37 -11.10
N GLY C 113 12.12 -5.04 -11.13
CA GLY C 113 11.10 -4.21 -11.73
C GLY C 113 11.67 -3.37 -12.84
N TYR C 114 10.78 -2.70 -13.58
CA TYR C 114 11.16 -1.84 -14.70
C TYR C 114 10.71 -0.42 -14.43
N LYS C 115 11.61 0.53 -14.62
CA LYS C 115 11.33 1.93 -14.39
C LYS C 115 10.11 2.42 -15.16
N ARG C 116 9.97 1.97 -16.41
CA ARG C 116 8.91 2.47 -17.29
C ARG C 116 7.52 1.93 -16.99
N ASN C 117 7.42 0.91 -16.15
CA ASN C 117 6.23 0.10 -16.05
C ASN C 117 5.51 0.25 -14.74
N TYR C 118 4.22 -0.04 -14.76
CA TYR C 118 3.40 0.04 -13.56
C TYR C 118 3.67 -1.09 -12.56
N PHE C 119 3.66 -0.74 -11.28
CA PHE C 119 3.45 -1.74 -10.25
C PHE C 119 2.20 -1.45 -9.45
N THR C 120 1.69 -2.49 -8.78
CA THR C 120 0.57 -2.42 -7.89
C THR C 120 0.98 -2.89 -6.50
N LEU C 121 0.68 -2.10 -5.47
CA LEU C 121 0.94 -2.48 -4.09
C LEU C 121 -0.36 -2.26 -3.34
N VAL C 122 -0.87 -3.32 -2.72
CA VAL C 122 -2.07 -3.24 -1.92
C VAL C 122 -1.77 -3.58 -0.46
N SER C 123 -2.52 -3.00 0.47
CA SER C 123 -2.36 -3.38 1.84
C SER C 123 -3.63 -3.20 2.63
N THR C 124 -3.81 -4.04 3.63
CA THR C 124 -4.78 -3.79 4.68
C THR C 124 -4.02 -3.80 5.99
N PHE C 125 -4.75 -3.67 7.08
CA PHE C 125 -4.22 -4.05 8.37
C PHE C 125 -5.23 -4.82 9.15
N GLU C 126 -4.76 -5.59 10.13
CA GLU C 126 -5.67 -6.34 11.00
C GLU C 126 -5.38 -6.05 12.46
N THR C 127 -6.43 -6.23 13.25
CA THR C 127 -6.37 -6.09 14.68
C THR C 127 -6.79 -7.42 15.26
N ALA C 128 -5.81 -8.22 15.69
CA ALA C 128 -6.09 -9.63 16.01
C ALA C 128 -7.00 -9.78 17.21
N ASN C 129 -6.98 -8.79 18.09
CA ASN C 129 -7.74 -8.87 19.35
C ASN C 129 -9.01 -8.01 19.37
N CYS C 130 -9.49 -7.57 18.21
CA CYS C 130 -10.64 -6.69 18.15
C CYS C 130 -11.39 -6.87 16.83
N ASP C 131 -12.67 -7.25 16.90
CA ASP C 131 -13.44 -7.43 15.68
C ASP C 131 -13.86 -6.06 15.15
N LEU C 132 -14.10 -5.96 13.85
CA LEU C 132 -14.32 -4.66 13.22
C LEU C 132 -15.47 -3.87 13.84
N ASP C 133 -16.58 -4.54 14.06
CA ASP C 133 -17.76 -3.82 14.51
C ASP C 133 -17.51 -3.16 15.88
N THR C 134 -16.81 -3.86 16.77
CA THR C 134 -16.42 -3.31 18.05
C THR C 134 -15.40 -2.18 17.94
N PHE C 135 -14.38 -2.42 17.13
CA PHE C 135 -13.32 -1.47 16.85
C PHE C 135 -13.89 -0.10 16.44
N LEU C 136 -14.85 -0.10 15.52
CA LEU C 136 -15.38 1.16 15.02
C LEU C 136 -16.20 1.95 16.03
N LYS C 137 -16.74 1.25 17.03
CA LYS C 137 -17.55 1.89 18.08
C LYS C 137 -16.71 2.38 19.26
N SER C 138 -15.47 1.91 19.32
CA SER C 138 -14.54 2.23 20.40
C SER C 138 -13.76 3.52 20.14
N SER C 139 -12.91 3.90 21.09
CA SER C 139 -11.97 5.01 20.86
C SER C 139 -10.60 4.56 21.35
N PHE C 140 -9.56 5.14 20.77
CA PHE C 140 -8.20 4.65 20.99
C PHE C 140 -7.26 5.82 21.20
N ASP C 141 -6.27 5.58 22.06
CA ASP C 141 -5.24 6.56 22.38
C ASP C 141 -3.86 5.98 22.08
N LEU C 142 -2.93 6.86 21.74
CA LEU C 142 -1.52 6.51 21.67
C LEU C 142 -0.94 6.58 23.07
N LEU C 143 -0.12 5.60 23.41
CA LEU C 143 0.65 5.61 24.65
C LEU C 143 2.04 6.10 24.28
N VAL C 144 2.34 7.36 24.55
CA VAL C 144 3.67 7.92 24.22
C VAL C 144 4.58 8.01 25.43
N GLY C 151 0.16 11.33 28.84
CA GLY C 151 0.76 11.33 27.52
C GLY C 151 -0.08 10.55 26.53
N ARG C 152 -1.39 10.82 26.51
CA ARG C 152 -2.33 10.14 25.61
C ARG C 152 -2.94 11.04 24.54
N LEU C 153 -2.56 10.79 23.30
CA LEU C 153 -3.12 11.47 22.16
C LEU C 153 -4.23 10.61 21.60
N ARG C 154 -5.38 11.19 21.35
CA ARG C 154 -6.51 10.44 20.81
C ARG C 154 -6.29 10.18 19.33
N VAL C 155 -6.50 8.95 18.91
CA VAL C 155 -6.41 8.59 17.50
C VAL C 155 -7.69 9.05 16.80
N GLN C 156 -7.54 9.85 15.77
CA GLN C 156 -8.67 10.25 14.95
C GLN C 156 -9.01 9.16 13.94
N TYR C 157 -7.98 8.63 13.30
CA TYR C 157 -8.18 7.54 12.37
C TYR C 157 -6.85 6.87 12.08
N PHE C 158 -6.93 5.66 11.53
CA PHE C 158 -5.77 4.91 11.07
C PHE C 158 -5.58 5.05 9.59
N ALA C 159 -4.32 5.01 9.14
CA ALA C 159 -4.03 5.23 7.75
C ALA C 159 -2.74 4.53 7.33
N ILE C 160 -2.64 4.28 6.04
CA ILE C 160 -1.42 3.74 5.47
C ILE C 160 -0.77 4.74 4.53
N LYS C 161 0.55 4.71 4.51
CA LYS C 161 1.29 5.34 3.43
C LYS C 161 2.36 4.38 2.92
N ILE C 162 2.80 4.65 1.71
CA ILE C 162 3.89 3.88 1.12
C ILE C 162 5.05 4.80 0.78
N LYS C 163 6.25 4.23 0.78
CA LYS C 163 7.44 4.98 0.42
C LYS C 163 8.36 4.05 -0.33
N ALA C 164 9.22 4.63 -1.15
CA ALA C 164 10.33 3.88 -1.75
C ALA C 164 11.62 4.44 -1.15
N LYS C 165 12.61 3.56 -0.97
CA LYS C 165 13.89 3.96 -0.42
C LYS C 165 15.03 3.26 -1.13
N ASN C 166 16.20 3.87 -1.07
CA ASN C 166 17.43 3.20 -1.40
C ASN C 166 17.75 2.30 -0.21
N ASP C 167 17.83 1.00 -0.44
CA ASP C 167 17.90 0.04 0.66
C ASP C 167 19.25 0.04 1.31
N ASP C 168 20.26 0.57 0.62
CA ASP C 168 21.62 0.59 1.18
C ASP C 168 21.90 1.81 2.06
N ASP C 169 21.21 2.92 1.83
CA ASP C 169 21.46 4.12 2.64
C ASP C 169 20.22 4.83 3.20
N ASP C 170 19.04 4.25 3.03
CA ASP C 170 17.79 4.79 3.56
C ASP C 170 17.32 6.11 2.95
N THR C 171 17.93 6.55 1.86
CA THR C 171 17.48 7.74 1.14
C THR C 171 16.11 7.49 0.53
N GLU C 172 15.17 8.41 0.68
CA GLU C 172 13.84 8.25 0.07
C GLU C 172 13.89 8.58 -1.42
N ILE C 173 13.14 7.79 -2.19
CA ILE C 173 13.01 7.91 -3.63
C ILE C 173 11.54 8.24 -3.96
N ASN C 174 11.33 9.22 -4.82
CA ASN C 174 9.98 9.63 -5.20
C ASN C 174 9.26 8.55 -6.03
N LEU C 175 7.99 8.36 -5.71
CA LEU C 175 7.08 7.53 -6.49
C LEU C 175 6.06 8.44 -7.18
N VAL C 176 5.58 7.98 -8.33
CA VAL C 176 4.57 8.73 -9.06
C VAL C 176 3.46 7.75 -9.44
N GLN C 177 2.24 8.22 -9.46
CA GLN C 177 1.11 7.42 -9.89
C GLN C 177 0.43 8.09 -11.04
N HIS C 178 -0.16 7.28 -11.91
CA HIS C 178 -1.00 7.79 -12.98
C HIS C 178 -2.45 7.31 -12.77
N THR C 179 -3.38 7.94 -13.48
CA THR C 179 -4.70 7.37 -13.70
C THR C 179 -4.62 6.46 -14.90
N ALA C 180 -5.70 5.75 -15.21
CA ALA C 180 -5.73 4.89 -16.38
C ALA C 180 -5.41 5.63 -17.69
N LYS C 181 -5.72 6.93 -17.73
CA LYS C 181 -5.46 7.76 -18.91
C LYS C 181 -3.97 8.04 -19.12
N ARG C 182 -3.16 7.78 -18.10
CA ARG C 182 -1.70 7.93 -18.14
C ARG C 182 -1.29 9.36 -18.52
N ASP C 183 -0.60 9.56 -19.64
CA ASP C 183 -0.18 10.89 -20.08
C ASP C 183 -1.33 11.85 -20.37
N LYS C 184 -2.52 11.32 -20.64
CA LYS C 184 -3.67 12.15 -20.95
C LYS C 184 -4.51 12.47 -19.71
N GLY C 185 -4.02 12.07 -18.54
CA GLY C 185 -4.58 12.47 -17.26
C GLY C 185 -3.49 13.01 -16.34
N PRO C 186 -3.84 13.29 -15.09
CA PRO C 186 -2.85 13.84 -14.14
C PRO C 186 -1.90 12.81 -13.56
N GLN C 187 -0.72 13.27 -13.11
CA GLN C 187 0.22 12.49 -12.31
C GLN C 187 0.11 12.96 -10.88
N PHE C 188 0.34 12.07 -9.93
CA PHE C 188 0.25 12.42 -8.53
C PHE C 188 1.16 11.54 -7.67
N CYS C 189 1.48 12.00 -6.48
CA CYS C 189 2.31 11.22 -5.58
C CYS C 189 1.34 10.35 -4.76
N PRO C 190 1.73 9.13 -4.39
CA PRO C 190 0.85 8.32 -3.54
C PRO C 190 0.44 9.11 -2.31
N SER C 191 -0.80 8.96 -1.92
CA SER C 191 -1.33 9.70 -0.78
C SER C 191 -1.55 8.78 0.41
N VAL C 192 -1.68 9.41 1.55
CA VAL C 192 -2.00 8.71 2.78
C VAL C 192 -3.43 8.22 2.64
N CYS C 193 -3.67 6.97 2.99
CA CYS C 193 -4.98 6.35 2.79
C CYS C 193 -5.59 6.00 4.13
N PRO C 194 -6.63 6.72 4.58
CA PRO C 194 -7.38 6.29 5.76
C PRO C 194 -7.96 4.92 5.50
N LEU C 195 -7.86 4.03 6.46
CA LEU C 195 -8.38 2.68 6.30
C LEU C 195 -8.90 2.10 7.59
N VAL C 196 -9.85 1.17 7.47
CA VAL C 196 -10.31 0.35 8.57
C VAL C 196 -9.82 -1.06 8.36
N PRO C 197 -9.66 -1.81 9.43
CA PRO C 197 -9.12 -3.17 9.31
C PRO C 197 -9.98 -4.11 8.48
N SER C 198 -9.31 -4.92 7.68
CA SER C 198 -9.97 -5.81 6.73
C SER C 198 -9.00 -6.90 6.33
N PRO C 199 -9.49 -8.08 5.94
CA PRO C 199 -8.61 -9.05 5.28
C PRO C 199 -8.18 -8.54 3.92
N LEU C 200 -7.01 -8.95 3.51
CA LEU C 200 -6.49 -8.56 2.21
C LEU C 200 -7.16 -9.39 1.13
N PRO C 201 -7.72 -8.75 0.11
CA PRO C 201 -8.30 -9.53 -0.99
C PRO C 201 -7.27 -10.42 -1.69
N LYS C 202 -7.75 -11.55 -2.18
CA LYS C 202 -6.90 -12.47 -2.94
C LYS C 202 -6.36 -11.77 -4.20
N HIS C 203 -5.25 -12.28 -4.70
CA HIS C 203 -4.65 -11.76 -5.90
C HIS C 203 -5.65 -11.68 -7.08
N GLN C 204 -6.47 -12.71 -7.24
CA GLN C 204 -7.47 -12.74 -8.33
C GLN C 204 -8.45 -11.58 -8.22
N THR C 205 -8.82 -11.21 -7.01
CA THR C 205 -9.75 -10.11 -6.80
C THR C 205 -9.15 -8.77 -7.18
N ILE C 206 -7.90 -8.55 -6.80
CA ILE C 206 -7.19 -7.35 -7.24
C ILE C 206 -7.12 -7.26 -8.76
N ARG C 207 -6.75 -8.36 -9.40
CA ARG C 207 -6.78 -8.43 -10.87
C ARG C 207 -8.11 -8.00 -11.44
N GLU C 208 -9.16 -8.62 -10.93
CA GLU C 208 -10.49 -8.43 -11.49
C GLU C 208 -11.01 -7.02 -11.33
N ALA C 209 -10.54 -6.34 -10.29
CA ALA C 209 -11.01 -5.02 -9.98
C ALA C 209 -10.13 -3.91 -10.56
N SER C 210 -9.12 -4.26 -11.34
CA SER C 210 -8.09 -3.30 -11.76
C SER C 210 -8.57 -2.22 -12.75
N ASN C 211 -9.57 -2.55 -13.55
CA ASN C 211 -10.01 -1.64 -14.61
C ASN C 211 -11.52 -1.79 -14.80
N VAL C 212 -12.25 -1.64 -13.71
CA VAL C 212 -13.71 -1.70 -13.73
C VAL C 212 -14.32 -0.31 -13.92
N ARG C 213 -15.17 -0.18 -14.93
CA ARG C 213 -15.98 1.01 -15.18
C ARG C 213 -17.47 0.72 -14.96
N ASN C 214 -17.94 -0.37 -15.55
CA ASN C 214 -19.34 -0.81 -15.49
C ASN C 214 -19.96 -0.75 -14.09
N ILE C 215 -21.11 -0.10 -13.98
CA ILE C 215 -21.73 0.16 -12.68
C ILE C 215 -22.10 -1.11 -11.96
N THR C 216 -22.61 -2.10 -12.69
CA THR C 216 -23.04 -3.33 -12.04
C THR C 216 -21.87 -4.06 -11.39
N LYS C 217 -20.75 -4.08 -12.08
CA LYS C 217 -19.56 -4.75 -11.55
C LYS C 217 -18.96 -3.95 -10.40
N MET C 218 -18.99 -2.63 -10.50
CA MET C 218 -18.51 -1.79 -9.40
C MET C 218 -19.31 -2.08 -8.13
N LYS C 219 -20.61 -2.30 -8.29
CA LYS C 219 -21.48 -2.57 -7.16
C LYS C 219 -21.07 -3.88 -6.50
N LYS C 220 -20.68 -4.86 -7.30
CA LYS C 220 -20.33 -6.17 -6.76
C LYS C 220 -19.05 -6.12 -5.92
N TYR C 221 -18.11 -5.23 -6.26
CA TYR C 221 -16.84 -5.15 -5.55
C TYR C 221 -16.84 -4.10 -4.44
N ASP C 222 -17.90 -3.30 -4.38
CA ASP C 222 -17.92 -2.15 -3.49
C ASP C 222 -17.66 -2.52 -2.04
N SER C 223 -18.28 -3.59 -1.55
CA SER C 223 -18.15 -3.93 -0.13
C SER C 223 -16.79 -4.52 0.20
N THR C 224 -16.07 -4.97 -0.82
CA THR C 224 -14.71 -5.45 -0.62
C THR C 224 -13.74 -4.31 -0.35
N PHE C 225 -13.95 -3.16 -0.99
CA PHE C 225 -13.00 -2.07 -0.97
C PHE C 225 -13.37 -0.84 -0.14
N TYR C 226 -14.64 -0.73 0.20
CA TYR C 226 -15.12 0.50 0.89
C TYR C 226 -16.08 0.17 2.00
N LEU C 227 -16.04 1.02 3.04
CA LEU C 227 -17.08 1.13 4.05
C LEU C 227 -17.70 2.51 3.86
N HIS C 228 -19.01 2.56 3.68
CA HIS C 228 -19.71 3.84 3.52
C HIS C 228 -20.37 4.19 4.85
N ARG C 229 -19.74 5.12 5.57
CA ARG C 229 -20.18 5.47 6.91
C ARG C 229 -21.56 6.07 6.89
N ASP C 230 -21.91 6.76 5.80
CA ASP C 230 -23.24 7.33 5.69
C ASP C 230 -24.37 6.30 5.60
N HIS C 231 -24.02 5.03 5.46
CA HIS C 231 -24.99 3.94 5.40
C HIS C 231 -25.16 3.15 6.71
N VAL C 232 -24.40 3.48 7.75
CA VAL C 232 -24.57 2.81 9.03
C VAL C 232 -25.74 3.46 9.80
N ASN C 233 -26.19 2.76 10.85
CA ASN C 233 -27.15 3.31 11.77
C ASN C 233 -26.43 4.22 12.75
N TYR C 234 -26.55 5.52 12.56
CA TYR C 234 -25.87 6.49 13.42
C TYR C 234 -26.22 6.37 14.90
N GLU C 235 -27.41 5.90 15.20
CA GLU C 235 -27.84 5.74 16.58
C GLU C 235 -27.06 4.71 17.37
N GLU C 236 -26.38 3.81 16.67
CA GLU C 236 -25.55 2.78 17.32
C GLU C 236 -24.20 3.31 17.79
N TYR C 237 -23.86 4.56 17.43
CA TYR C 237 -22.51 5.08 17.63
C TYR C 237 -22.49 6.29 18.56
N GLY C 238 -21.51 6.33 19.45
CA GLY C 238 -21.27 7.55 20.22
C GLY C 238 -20.48 8.57 19.42
N VAL C 239 -20.60 9.82 19.84
CA VAL C 239 -19.95 10.93 19.17
C VAL C 239 -18.45 10.76 19.14
N ASP C 240 -17.90 10.10 20.15
CA ASP C 240 -16.45 9.93 20.25
C ASP C 240 -15.95 8.67 19.55
N SER C 241 -16.84 7.93 18.88
CA SER C 241 -16.45 6.67 18.25
C SER C 241 -15.43 6.89 17.15
N LEU C 242 -14.55 5.93 16.98
CA LEU C 242 -13.51 6.01 15.98
C LEU C 242 -14.10 6.21 14.57
N LEU C 243 -15.19 5.52 14.25
CA LEU C 243 -15.74 5.61 12.91
C LEU C 243 -16.03 7.06 12.55
N PHE C 244 -16.54 7.81 13.52
CA PHE C 244 -16.99 9.18 13.27
C PHE C 244 -15.90 10.27 13.37
N SER C 245 -14.66 9.85 13.62
CA SER C 245 -13.51 10.74 13.44
C SER C 245 -12.71 10.50 12.15
N TYR C 246 -13.12 9.53 11.33
CA TYR C 246 -12.56 9.39 9.99
C TYR C 246 -12.95 10.64 9.19
N PRO C 247 -12.08 11.07 8.27
CA PRO C 247 -12.26 12.36 7.62
C PRO C 247 -13.38 12.42 6.58
N GLU C 248 -13.68 11.30 5.93
CA GLU C 248 -14.71 11.24 4.89
C GLU C 248 -15.66 10.06 5.14
N ASP C 249 -16.88 10.16 4.60
CA ASP C 249 -17.86 9.08 4.71
C ASP C 249 -17.42 7.82 3.98
N SER C 250 -16.78 7.96 2.82
CA SER C 250 -16.32 6.79 2.10
C SER C 250 -14.94 6.43 2.62
N ILE C 251 -14.84 5.27 3.26
CA ILE C 251 -13.60 4.85 3.91
C ILE C 251 -13.09 3.59 3.25
N GLN C 252 -11.84 3.60 2.83
CA GLN C 252 -11.28 2.40 2.19
C GLN C 252 -11.04 1.29 3.21
N LYS C 253 -11.30 0.05 2.80
CA LYS C 253 -11.00 -1.16 3.54
C LYS C 253 -9.64 -1.69 3.09
N VAL C 254 -9.22 -1.26 1.91
CA VAL C 254 -7.97 -1.71 1.30
C VAL C 254 -7.27 -0.50 0.70
N ALA C 255 -5.97 -0.34 1.00
CA ALA C 255 -5.15 0.68 0.39
C ALA C 255 -4.67 0.07 -0.93
N ARG C 256 -5.09 0.65 -2.04
CA ARG C 256 -4.78 0.08 -3.36
C ARG C 256 -4.02 1.12 -4.12
N TYR C 257 -2.72 0.91 -4.29
CA TYR C 257 -1.89 1.81 -5.05
C TYR C 257 -1.59 1.13 -6.38
N GLU C 258 -2.26 1.60 -7.42
CA GLU C 258 -2.13 1.03 -8.76
C GLU C 258 -1.50 2.07 -9.68
N ARG C 259 -0.87 1.58 -10.73
CA ARG C 259 -0.26 2.43 -11.74
C ARG C 259 0.84 3.29 -11.12
N VAL C 260 1.61 2.67 -10.24
CA VAL C 260 2.71 3.33 -9.54
C VAL C 260 3.99 3.10 -10.31
N GLN C 261 4.84 4.12 -10.35
CA GLN C 261 6.18 3.98 -10.91
C GLN C 261 7.18 4.69 -10.02
N PHE C 262 8.42 4.24 -10.08
CA PHE C 262 9.52 5.06 -9.60
C PHE C 262 9.65 6.31 -10.46
N ALA C 263 10.02 7.42 -9.82
CA ALA C 263 10.11 8.70 -10.53
C ALA C 263 11.08 8.55 -11.69
N SER C 264 10.83 9.31 -12.76
CA SER C 264 11.51 9.13 -14.02
C SER C 264 12.97 9.56 -13.94
N SER C 265 13.31 10.28 -12.90
CA SER C 265 14.65 10.79 -12.71
C SER C 265 15.55 9.85 -11.90
N ILE C 266 15.02 8.70 -11.45
CA ILE C 266 15.79 7.86 -10.54
C ILE C 266 16.97 7.23 -11.26
N SER C 267 18.12 7.22 -10.60
CA SER C 267 19.30 6.56 -11.12
C SER C 267 19.26 5.12 -10.62
N VAL C 268 19.32 4.15 -11.53
CA VAL C 268 19.12 2.75 -11.13
C VAL C 268 20.42 1.96 -10.95
N LYS C 269 21.53 2.57 -11.36
CA LYS C 269 22.84 1.95 -11.19
C LYS C 269 23.70 2.81 -10.29
N LYS C 270 24.58 2.16 -9.57
CA LYS C 270 25.61 2.85 -8.81
C LYS C 270 26.70 3.32 -9.75
N PRO C 271 27.55 4.24 -9.32
CA PRO C 271 28.72 4.62 -10.11
C PRO C 271 29.61 3.45 -10.60
N SER C 272 29.71 2.40 -9.80
CA SER C 272 30.47 1.21 -10.16
C SER C 272 29.81 0.39 -11.28
N GLN C 273 28.59 0.76 -11.66
CA GLN C 273 27.69 0.07 -12.62
C GLN C 273 26.97 -1.15 -12.01
N GLN C 274 27.21 -1.43 -10.73
CA GLN C 274 26.39 -2.39 -9.99
C GLN C 274 24.98 -1.81 -9.89
N ASN C 275 23.99 -2.67 -9.81
CA ASN C 275 22.63 -2.20 -9.62
C ASN C 275 22.43 -1.59 -8.24
N LYS C 276 21.67 -0.51 -8.17
CA LYS C 276 21.23 -0.01 -6.89
C LYS C 276 20.16 -0.97 -6.34
N HIS C 277 20.02 -1.01 -5.04
CA HIS C 277 19.00 -1.82 -4.39
C HIS C 277 18.00 -0.88 -3.77
N PHE C 278 16.74 -1.10 -4.12
CA PHE C 278 15.63 -0.30 -3.62
C PHE C 278 14.76 -1.17 -2.72
N SER C 279 13.88 -0.53 -1.95
CA SER C 279 12.90 -1.27 -1.18
C SER C 279 11.63 -0.44 -1.10
N LEU C 280 10.49 -1.14 -1.10
CA LEU C 280 9.20 -0.50 -0.91
C LEU C 280 8.76 -0.74 0.51
N HIS C 281 8.27 0.33 1.14
CA HIS C 281 7.89 0.35 2.55
C HIS C 281 6.40 0.67 2.67
N VAL C 282 5.72 -0.03 3.57
CA VAL C 282 4.34 0.26 3.92
C VAL C 282 4.33 0.64 5.39
N ILE C 283 3.72 1.76 5.71
CA ILE C 283 3.73 2.28 7.06
C ILE C 283 2.28 2.46 7.51
N LEU C 284 1.96 1.87 8.65
CA LEU C 284 0.66 2.07 9.30
C LEU C 284 0.83 3.16 10.35
N GLY C 285 -0.07 4.13 10.33
CA GLY C 285 0.00 5.26 11.25
C GLY C 285 -1.35 5.58 11.86
N ALA C 286 -1.30 6.37 12.93
CA ALA C 286 -2.50 6.93 13.55
C ALA C 286 -2.41 8.42 13.33
N VAL C 287 -3.49 9.01 12.85
CA VAL C 287 -3.52 10.45 12.65
C VAL C 287 -4.13 11.07 13.89
N VAL C 288 -3.42 12.06 14.44
CA VAL C 288 -3.83 12.74 15.67
C VAL C 288 -3.77 14.25 15.47
N ASP C 289 -4.47 14.95 16.37
CA ASP C 289 -4.45 16.42 16.39
C ASP C 289 -3.18 16.92 17.08
N PRO C 290 -2.38 17.74 16.39
CA PRO C 290 -1.13 18.27 16.93
C PRO C 290 -1.26 19.03 18.25
N ASP C 291 -2.45 19.52 18.56
CA ASP C 291 -2.69 20.28 19.78
C ASP C 291 -2.64 19.38 21.03
N GLY C 299 8.41 13.22 20.65
CA GLY C 299 9.71 12.55 20.64
C GLY C 299 9.69 11.19 19.95
N ILE C 300 8.63 10.91 19.19
CA ILE C 300 8.50 9.63 18.48
C ILE C 300 8.25 9.85 16.99
N PRO C 301 8.54 8.85 16.15
CA PRO C 301 8.44 9.04 14.70
C PRO C 301 7.06 9.42 14.17
N TYR C 302 7.02 10.44 13.33
CA TYR C 302 5.78 10.90 12.73
C TYR C 302 6.08 11.74 11.50
N ASP C 303 5.11 11.83 10.61
CA ASP C 303 5.12 12.80 9.51
C ASP C 303 3.96 13.78 9.67
N GLU C 304 4.16 15.01 9.21
CA GLU C 304 3.09 15.98 9.17
C GLU C 304 2.12 15.63 8.05
N LEU C 305 0.87 16.03 8.24
CA LEU C 305 -0.19 15.69 7.31
C LEU C 305 -1.17 16.86 7.20
N ALA C 306 -1.55 17.21 5.98
CA ALA C 306 -2.59 18.21 5.75
C ALA C 306 -3.94 17.63 6.20
N LEU C 307 -4.42 18.10 7.34
CA LEU C 307 -5.65 17.58 7.95
C LEU C 307 -6.91 18.06 7.20
N LYS C 308 -8.06 17.54 7.62
CA LYS C 308 -9.34 17.80 6.97
C LYS C 308 -9.82 19.22 7.23
N ASN C 309 -9.82 19.62 8.50
CA ASN C 309 -10.21 20.99 8.88
C ASN C 309 -9.22 22.07 8.43
N GLY C 310 -8.08 21.65 7.86
CA GLY C 310 -7.12 22.57 7.28
C GLY C 310 -5.84 22.64 8.08
N SER C 311 -5.96 22.55 9.40
CA SER C 311 -4.83 22.67 10.32
C SER C 311 -3.81 21.53 10.21
N LYS C 312 -2.73 21.65 10.98
CA LYS C 312 -1.69 20.63 10.98
C LYS C 312 -2.22 19.36 11.62
N GLY C 313 -1.64 18.23 11.20
CA GLY C 313 -1.95 16.94 11.76
C GLY C 313 -0.68 16.15 11.87
N MET C 314 -0.69 15.07 12.63
CA MET C 314 0.48 14.20 12.74
C MET C 314 0.05 12.81 12.36
N PHE C 315 0.73 12.23 11.40
CA PHE C 315 0.65 10.80 11.11
C PHE C 315 1.73 10.12 11.96
N VAL C 316 1.31 9.57 13.08
CA VAL C 316 2.21 8.94 14.02
C VAL C 316 2.45 7.50 13.63
N TYR C 317 3.71 7.11 13.48
CA TYR C 317 4.02 5.77 12.99
C TYR C 317 3.64 4.73 14.04
N LEU C 318 3.01 3.64 13.59
CA LEU C 318 2.68 2.48 14.43
C LEU C 318 3.45 1.22 14.06
N GLN C 319 3.58 0.96 12.77
CA GLN C 319 4.29 -0.24 12.30
C GLN C 319 4.78 0.02 10.89
N GLU C 320 5.88 -0.61 10.50
CA GLU C 320 6.41 -0.47 9.15
C GLU C 320 6.89 -1.82 8.67
N MET C 321 6.58 -2.15 7.42
CA MET C 321 7.13 -3.35 6.76
C MET C 321 7.83 -2.92 5.47
N LYS C 322 8.73 -3.76 4.98
CA LYS C 322 9.44 -3.45 3.73
C LYS C 322 9.68 -4.71 2.92
N THR C 323 9.96 -4.52 1.65
CA THR C 323 10.41 -5.62 0.80
C THR C 323 11.90 -5.90 0.98
N PRO C 324 12.32 -7.08 0.54
CA PRO C 324 13.76 -7.29 0.33
C PRO C 324 14.23 -6.37 -0.76
N PRO C 325 15.55 -6.35 -0.99
CA PRO C 325 16.13 -5.49 -2.01
C PRO C 325 15.54 -5.75 -3.40
N LEU C 326 15.30 -4.67 -4.12
CA LEU C 326 14.71 -4.68 -5.44
C LEU C 326 15.69 -4.08 -6.42
N ILE C 327 15.77 -4.69 -7.60
CA ILE C 327 16.49 -4.15 -8.74
C ILE C 327 15.50 -3.47 -9.66
N ILE C 328 15.84 -2.28 -10.13
CA ILE C 328 15.02 -1.60 -11.11
C ILE C 328 15.80 -1.41 -12.41
N ARG C 329 15.23 -1.88 -13.52
CA ARG C 329 15.87 -1.78 -14.81
C ARG C 329 15.39 -0.52 -15.51
N GLY C 330 16.36 0.24 -16.01
CA GLY C 330 16.06 1.50 -16.66
C GLY C 330 15.76 1.35 -18.14
N ARG C 331 15.80 2.48 -18.82
CA ARG C 331 15.27 2.58 -20.17
C ARG C 331 16.20 2.05 -21.25
N SER C 332 17.40 1.63 -20.86
CA SER C 332 18.40 1.16 -21.82
C SER C 332 17.79 0.11 -22.75
N PRO C 333 18.11 0.21 -24.05
CA PRO C 333 17.68 -0.80 -25.03
C PRO C 333 18.01 -2.22 -24.63
N SER C 334 19.14 -2.41 -23.95
CA SER C 334 19.58 -3.73 -23.54
C SER C 334 18.75 -4.38 -22.43
N ASN C 335 17.84 -3.63 -21.81
CA ASN C 335 16.88 -4.21 -20.88
C ASN C 335 15.65 -4.80 -21.55
N TYR C 336 15.63 -4.80 -22.89
CA TYR C 336 14.45 -5.23 -23.61
C TYR C 336 14.79 -6.25 -24.67
N ALA C 337 13.89 -7.23 -24.81
CA ALA C 337 14.05 -8.31 -25.78
C ALA C 337 14.18 -7.79 -27.21
N SER C 338 13.63 -6.60 -27.49
CA SER C 338 13.73 -6.00 -28.82
C SER C 338 15.18 -5.85 -29.27
N SER C 339 16.09 -5.58 -28.34
CA SER C 339 17.50 -5.38 -28.69
C SER C 339 18.20 -6.65 -29.22
N GLN C 340 17.57 -7.80 -29.02
CA GLN C 340 18.16 -9.10 -29.39
C GLN C 340 17.73 -9.58 -30.78
#